data_7KHJ
#
_entry.id   7KHJ
#
_cell.length_a   57.743
_cell.length_b   61.739
_cell.length_c   206.909
_cell.angle_alpha   90.000
_cell.angle_beta   90.000
_cell.angle_gamma   90.000
#
_symmetry.space_group_name_H-M   'P 21 21 21'
#
loop_
_entity.id
_entity.type
_entity.pdbx_description
1 polymer 'Mast/stem cell growth factor receptor Kit'
2 non-polymer 2-phenyl-5-(1H-pyrazol-4-yl)-1H-pyrrolo[2,3-b]pyridine
3 water water
#
_entity_poly.entity_id   1
_entity_poly.type   'polypeptide(L)'
_entity_poly.pdbx_seq_one_letter_code
;MGHHHHHHMPMYEVQWKVVEESNGNNYSYIDPTQLPYDHKWEFPRNRLSFGKTLGAGAFGKVVEATAQGLIKSDAAMTVA
VKMLKPSAHSTEREALMSELKVLSYLGNHENIVNLLGACTHGGPTLVITEYCCYGDLLNFLRRKRDSFHSSDTSPASMED
DENALDLEDLLSFSYQVAKGMAFLASKNCIHRDLAARNILLTHGRITKICDFGLARVIKNDSNYVDKGNARLPVKWMAPE
SIFNSVYTFESDVWSYGIFLWELFSLGSSPYPGMPVDSKFYKMIKEGFRMSSPEHAPAEMYDIMKTCWDADPDKRPTFKQ
IVQDIEKQISESTNH
;
_entity_poly.pdbx_strand_id   A,B
#
# COMPACT_ATOMS: atom_id res chain seq x y z
N ASN A 25 46.31 10.98 -9.13
CA ASN A 25 46.64 9.78 -9.89
C ASN A 25 45.60 9.57 -11.01
N ASN A 26 46.07 8.94 -12.09
CA ASN A 26 45.29 8.61 -13.26
C ASN A 26 44.47 7.33 -13.13
N TYR A 27 44.42 6.70 -11.94
CA TYR A 27 43.77 5.40 -11.76
C TYR A 27 42.67 5.53 -10.71
N SER A 28 41.43 5.21 -11.08
CA SER A 28 40.23 5.62 -10.37
C SER A 28 39.33 4.38 -10.22
N TYR A 29 38.72 4.23 -9.03
CA TYR A 29 37.49 3.40 -8.90
C TYR A 29 36.31 4.15 -9.56
N ILE A 30 35.70 3.55 -10.57
CA ILE A 30 34.54 4.16 -11.20
C ILE A 30 33.36 4.16 -10.23
N ASP A 31 32.81 5.35 -10.02
CA ASP A 31 31.63 5.58 -9.19
C ASP A 31 30.37 5.37 -10.02
N PRO A 32 29.59 4.31 -9.78
CA PRO A 32 28.38 4.10 -10.61
C PRO A 32 27.37 5.22 -10.49
N THR A 33 27.36 5.94 -9.37
CA THR A 33 26.36 7.02 -9.25
C THR A 33 26.69 8.20 -10.15
N GLN A 34 27.91 8.27 -10.71
CA GLN A 34 28.24 9.36 -11.61
C GLN A 34 28.15 8.96 -13.08
N LEU A 35 27.78 7.71 -13.41
CA LEU A 35 27.60 7.23 -14.77
C LEU A 35 26.27 7.69 -15.35
N PRO A 36 26.08 7.64 -16.66
CA PRO A 36 24.84 8.18 -17.24
C PRO A 36 23.62 7.36 -16.86
N TYR A 37 22.46 8.05 -16.81
CA TYR A 37 21.21 7.39 -16.50
C TYR A 37 20.98 6.22 -17.44
N ASP A 38 20.72 5.04 -16.87
CA ASP A 38 20.45 3.83 -17.61
C ASP A 38 18.95 3.79 -17.91
N HIS A 39 18.60 3.85 -19.20
CA HIS A 39 17.20 3.91 -19.64
C HIS A 39 16.49 2.57 -19.55
N LYS A 40 17.08 1.59 -18.83
CA LYS A 40 16.33 0.39 -18.48
C LYS A 40 15.13 0.72 -17.62
N TRP A 41 15.21 1.80 -16.83
CA TRP A 41 14.21 2.23 -15.87
C TRP A 41 13.15 3.14 -16.48
N GLU A 42 13.38 3.60 -17.70
CA GLU A 42 12.47 4.55 -18.33
C GLU A 42 11.06 3.98 -18.33
N PHE A 43 10.07 4.86 -18.11
CA PHE A 43 8.69 4.41 -18.07
C PHE A 43 7.79 5.46 -18.71
N PRO A 44 6.81 5.04 -19.53
CA PRO A 44 5.94 6.01 -20.22
C PRO A 44 5.02 6.74 -19.26
N ARG A 45 5.06 8.07 -19.27
CA ARG A 45 4.20 8.80 -18.35
C ARG A 45 2.73 8.64 -18.70
N ASN A 46 2.40 8.33 -19.95
CA ASN A 46 1.02 8.04 -20.33
C ASN A 46 0.42 6.96 -19.45
N ARG A 47 1.26 6.04 -18.96
CA ARG A 47 0.82 4.88 -18.20
C ARG A 47 0.88 5.14 -16.69
N LEU A 48 0.83 6.40 -16.28
CA LEU A 48 0.71 6.80 -14.88
C LEU A 48 -0.49 7.71 -14.68
N SER A 49 -1.25 7.46 -13.62
CA SER A 49 -2.38 8.30 -13.26
C SER A 49 -2.18 8.76 -11.83
N PHE A 50 -2.04 10.06 -11.65
CA PHE A 50 -1.69 10.63 -10.36
C PHE A 50 -2.89 10.67 -9.41
N GLY A 51 -2.66 10.22 -8.16
CA GLY A 51 -3.64 10.30 -7.09
C GLY A 51 -3.35 11.38 -6.06
N LYS A 52 -3.43 11.02 -4.78
CA LYS A 52 -3.21 11.95 -3.67
C LYS A 52 -1.74 12.32 -3.55
N THR A 53 -1.49 13.46 -2.91
CA THR A 53 -0.13 13.79 -2.49
C THR A 53 0.23 12.99 -1.24
N LEU A 54 1.40 12.38 -1.27
CA LEU A 54 1.83 11.47 -0.22
C LEU A 54 2.77 12.12 0.79
N GLY A 55 3.53 13.14 0.40
CA GLY A 55 4.44 13.79 1.31
C GLY A 55 4.99 15.06 0.71
N ALA A 56 5.56 15.89 1.57
CA ALA A 56 6.28 17.08 1.14
C ALA A 56 7.44 17.28 2.11
N GLY A 57 8.66 17.43 1.56
CA GLY A 57 9.86 17.49 2.37
C GLY A 57 11.16 17.71 1.60
N GLY A 60 11.11 16.53 -1.90
CA GLY A 60 10.21 17.36 -2.69
C GLY A 60 8.76 17.05 -2.30
N LYS A 61 8.07 16.33 -3.18
CA LYS A 61 6.77 15.76 -2.86
C LYS A 61 6.62 14.45 -3.61
N VAL A 62 5.91 13.52 -3.01
CA VAL A 62 5.63 12.24 -3.63
C VAL A 62 4.12 12.06 -3.67
N VAL A 63 3.61 11.41 -4.72
CA VAL A 63 2.18 11.25 -4.94
C VAL A 63 1.88 9.80 -5.27
N GLU A 64 0.69 9.32 -4.87
CA GLU A 64 0.29 7.96 -5.17
C GLU A 64 -0.19 7.89 -6.61
N ALA A 65 0.08 6.76 -7.27
CA ALA A 65 -0.30 6.59 -8.67
C ALA A 65 -0.50 5.12 -9.00
N THR A 66 -1.15 4.88 -10.15
CA THR A 66 -1.29 3.54 -10.72
C THR A 66 -0.44 3.45 -11.98
N ALA A 67 0.26 2.33 -12.15
CA ALA A 67 1.23 2.16 -13.22
C ALA A 67 0.85 0.96 -14.10
N GLN A 68 0.66 1.22 -15.39
CA GLN A 68 0.39 0.14 -16.35
C GLN A 68 1.69 -0.47 -16.87
N GLY A 69 1.73 -1.80 -16.96
CA GLY A 69 2.80 -2.47 -17.67
C GLY A 69 4.01 -2.84 -16.86
N LEU A 70 4.00 -2.59 -15.55
CA LEU A 70 5.10 -3.02 -14.69
C LEU A 70 5.06 -4.51 -14.37
N ILE A 71 3.97 -5.18 -14.69
CA ILE A 71 3.80 -6.60 -14.44
C ILE A 71 3.83 -7.36 -15.76
N LYS A 72 4.40 -8.58 -15.72
CA LYS A 72 4.42 -9.42 -16.90
C LYS A 72 3.01 -9.75 -17.39
N SER A 73 2.07 -9.94 -16.47
CA SER A 73 0.69 -10.19 -16.89
C SER A 73 0.01 -8.93 -17.41
N ASP A 74 0.67 -7.77 -17.27
CA ASP A 74 0.20 -6.47 -17.74
C ASP A 74 -1.05 -5.96 -17.00
N ALA A 75 -0.95 -5.90 -15.69
CA ALA A 75 -1.97 -5.33 -14.82
C ALA A 75 -1.49 -3.98 -14.29
N ALA A 76 -2.42 -3.24 -13.70
CA ALA A 76 -2.13 -1.96 -13.08
C ALA A 76 -1.84 -2.17 -11.59
N MET A 77 -0.84 -1.44 -11.08
CA MET A 77 -0.39 -1.56 -9.71
C MET A 77 -0.16 -0.17 -9.13
N THR A 78 -0.26 -0.06 -7.82
CA THR A 78 -0.11 1.20 -7.10
C THR A 78 1.36 1.46 -6.82
N VAL A 79 1.81 2.71 -7.04
CA VAL A 79 3.20 3.10 -6.84
C VAL A 79 3.25 4.49 -6.22
N ALA A 80 4.44 4.86 -5.73
CA ALA A 80 4.75 6.20 -5.23
C ALA A 80 5.71 6.89 -6.19
N VAL A 81 5.34 8.09 -6.62
CA VAL A 81 6.13 8.85 -7.58
C VAL A 81 6.66 10.11 -6.91
N LYS A 82 7.97 10.27 -6.96
CA LYS A 82 8.65 11.41 -6.38
C LYS A 82 8.96 12.44 -7.46
N MET A 83 8.54 13.69 -7.21
CA MET A 83 8.59 14.79 -8.16
C MET A 83 9.05 16.09 -7.50
N LEU A 84 9.27 17.09 -8.35
CA LEU A 84 9.65 18.43 -7.97
C LEU A 84 8.63 19.47 -8.47
N LYS A 85 8.67 20.62 -7.83
CA LYS A 85 7.88 21.78 -8.22
C LYS A 85 8.70 22.70 -9.12
N PRO A 86 8.12 23.33 -10.14
CA PRO A 86 8.95 24.30 -10.89
C PRO A 86 9.08 25.66 -10.18
N SER A 90 17.74 25.04 -7.99
CA SER A 90 17.96 23.96 -8.95
C SER A 90 18.76 22.80 -8.37
N THR A 91 19.33 22.92 -7.16
CA THR A 91 20.11 21.83 -6.57
C THR A 91 19.25 20.61 -6.28
N GLU A 92 17.96 20.83 -6.11
CA GLU A 92 17.08 19.71 -5.85
C GLU A 92 16.82 18.90 -7.12
N ARG A 93 16.84 19.58 -8.28
CA ARG A 93 16.87 18.96 -9.61
C ARG A 93 17.87 17.78 -9.71
N GLU A 94 19.11 18.02 -9.28
CA GLU A 94 20.16 17.00 -9.32
C GLU A 94 20.02 16.00 -8.18
N ALA A 95 19.65 16.48 -6.99
CA ALA A 95 19.44 15.58 -5.85
C ALA A 95 18.49 14.44 -6.23
N LEU A 96 17.50 14.73 -7.07
CA LEU A 96 16.58 13.69 -7.53
C LEU A 96 17.29 12.74 -8.48
N MET A 97 18.03 13.28 -9.46
CA MET A 97 18.83 12.41 -10.34
C MET A 97 19.82 11.62 -9.51
N SER A 98 20.43 12.25 -8.51
CA SER A 98 21.32 11.54 -7.60
C SER A 98 20.63 10.34 -6.98
N GLU A 99 19.54 10.62 -6.27
CA GLU A 99 18.78 9.56 -5.62
C GLU A 99 18.45 8.42 -6.57
N LEU A 100 18.13 8.74 -7.82
CA LEU A 100 17.76 7.71 -8.77
C LEU A 100 18.93 6.82 -9.14
N LYS A 101 20.09 7.41 -9.43
CA LYS A 101 21.24 6.60 -9.81
C LYS A 101 21.72 5.74 -8.65
N VAL A 102 21.59 6.25 -7.42
CA VAL A 102 21.99 5.50 -6.23
C VAL A 102 21.10 4.28 -6.05
N LEU A 103 19.79 4.49 -6.13
CA LEU A 103 18.85 3.39 -6.01
C LEU A 103 19.09 2.34 -7.09
N SER A 104 19.28 2.81 -8.33
CA SER A 104 19.61 1.95 -9.45
C SER A 104 20.89 1.16 -9.16
N TYR A 105 21.89 1.83 -8.61
CA TYR A 105 23.15 1.15 -8.30
C TYR A 105 22.97 0.11 -7.21
N LEU A 106 22.41 0.49 -6.05
CA LEU A 106 22.27 -0.44 -4.92
C LEU A 106 21.55 -1.73 -5.29
N GLY A 107 20.60 -1.66 -6.18
CA GLY A 107 19.75 -2.80 -6.44
C GLY A 107 18.63 -2.93 -5.42
N ASN A 108 18.07 -4.12 -5.37
CA ASN A 108 16.91 -4.42 -4.55
C ASN A 108 17.37 -4.97 -3.22
N HIS A 109 16.72 -4.52 -2.16
CA HIS A 109 16.93 -5.10 -0.85
C HIS A 109 15.61 -5.01 -0.12
N GLU A 110 15.43 -5.90 0.84
CA GLU A 110 14.19 -5.90 1.59
C GLU A 110 14.02 -4.61 2.41
N ASN A 111 15.12 -4.02 2.88
CA ASN A 111 15.07 -2.89 3.79
C ASN A 111 15.35 -1.54 3.14
N ILE A 112 15.27 -1.45 1.82
CA ILE A 112 15.40 -0.19 1.10
C ILE A 112 14.16 -0.02 0.25
N VAL A 113 13.67 1.21 0.19
CA VAL A 113 12.57 1.51 -0.72
C VAL A 113 12.97 1.09 -2.13
N ASN A 114 12.12 0.30 -2.77
CA ASN A 114 12.44 -0.29 -4.06
C ASN A 114 12.24 0.71 -5.19
N LEU A 115 13.27 0.90 -6.03
CA LEU A 115 13.12 1.68 -7.26
C LEU A 115 12.40 0.85 -8.31
N LEU A 116 11.38 1.41 -8.94
CA LEU A 116 10.63 0.68 -9.96
C LEU A 116 10.81 1.25 -11.36
N GLY A 117 11.07 2.54 -11.49
CA GLY A 117 11.34 3.11 -12.79
C GLY A 117 11.51 4.61 -12.67
N ALA A 118 11.56 5.27 -13.82
CA ALA A 118 11.74 6.71 -13.83
C ALA A 118 11.32 7.28 -15.18
N CYS A 119 10.90 8.53 -15.19
CA CYS A 119 10.51 9.20 -16.42
C CYS A 119 11.47 10.36 -16.61
N THR A 120 12.10 10.41 -17.79
CA THR A 120 13.08 11.45 -18.04
C THR A 120 12.96 12.17 -19.38
N HIS A 121 11.96 11.81 -20.17
CA HIS A 121 11.79 12.42 -21.50
C HIS A 121 10.96 13.71 -21.45
N GLY A 122 10.13 13.89 -22.47
CA GLY A 122 9.29 15.06 -22.57
C GLY A 122 8.48 15.35 -21.32
N GLY A 123 9.05 16.12 -20.40
CA GLY A 123 8.38 16.46 -19.17
C GLY A 123 9.29 16.50 -17.97
N PRO A 124 8.75 16.82 -16.80
CA PRO A 124 9.49 16.89 -15.54
C PRO A 124 9.99 15.52 -15.14
N THR A 125 11.13 15.47 -14.48
CA THR A 125 11.72 14.22 -14.05
C THR A 125 10.96 13.60 -12.89
N LEU A 126 10.63 12.32 -13.03
CA LEU A 126 9.90 11.61 -11.99
C LEU A 126 10.61 10.33 -11.59
N VAL A 127 10.45 9.95 -10.33
CA VAL A 127 11.07 8.73 -9.80
C VAL A 127 9.97 7.84 -9.27
N ILE A 128 9.74 6.73 -9.91
CA ILE A 128 8.72 5.80 -9.44
C ILE A 128 9.36 4.80 -8.48
N THR A 129 8.71 4.56 -7.36
CA THR A 129 9.21 3.65 -6.35
C THR A 129 8.05 2.94 -5.66
N GLU A 130 8.41 1.96 -4.85
CA GLU A 130 7.47 1.18 -4.06
C GLU A 130 6.57 2.08 -3.22
N TYR A 131 5.30 1.72 -3.12
CA TYR A 131 4.38 2.38 -2.21
C TYR A 131 4.43 1.65 -0.87
N CYS A 132 4.63 2.40 0.21
CA CYS A 132 4.59 1.87 1.58
C CYS A 132 3.27 2.37 2.17
N CYS A 133 2.32 1.46 2.42
CA CYS A 133 0.95 1.80 2.84
C CYS A 133 0.83 2.53 4.18
N TYR A 134 1.80 2.39 5.10
CA TYR A 134 1.72 3.09 6.39
C TYR A 134 2.48 4.40 6.44
N GLY A 135 3.30 4.68 5.45
CA GLY A 135 4.03 5.92 5.39
C GLY A 135 5.25 5.92 6.28
N ASP A 136 5.63 7.11 6.74
CA ASP A 136 6.87 7.25 7.50
C ASP A 136 6.77 6.59 8.87
N LEU A 137 7.91 6.13 9.39
CA LEU A 137 7.91 5.50 10.70
C LEU A 137 7.73 6.51 11.81
N LEU A 138 8.09 7.77 11.57
CA LEU A 138 8.04 8.74 12.66
C LEU A 138 6.60 9.03 13.05
N ASN A 139 5.74 9.31 12.08
CA ASN A 139 4.34 9.58 12.37
C ASN A 139 3.58 8.29 12.72
N PHE A 140 4.08 7.13 12.27
CA PHE A 140 3.49 5.88 12.72
C PHE A 140 3.68 5.69 14.22
N LEU A 141 4.92 5.86 14.71
CA LEU A 141 5.18 5.78 16.15
C LEU A 141 4.39 6.83 16.91
N ARG A 142 4.13 7.96 16.27
CA ARG A 142 3.40 9.01 16.93
C ARG A 142 1.93 8.66 17.05
N ARG A 143 1.32 8.19 15.94
CA ARG A 143 -0.05 7.69 15.98
C ARG A 143 -0.21 6.59 17.02
N LYS A 144 0.80 5.73 17.14
CA LYS A 144 0.67 4.54 17.98
C LYS A 144 1.17 4.74 19.42
N ARG A 145 1.50 5.98 19.80
CA ARG A 145 2.18 6.22 21.08
C ARG A 145 1.29 5.86 22.26
N ASP A 146 0.00 6.19 22.19
CA ASP A 146 -0.89 5.87 23.31
C ASP A 146 -1.22 4.37 23.32
N SER A 147 -1.50 3.79 22.15
CA SER A 147 -1.77 2.35 22.03
C SER A 147 -0.59 1.49 22.49
N PHE A 148 0.61 2.06 22.61
CA PHE A 148 1.79 1.27 22.93
C PHE A 148 1.55 0.43 24.18
N HIS A 149 2.32 -0.66 24.28
CA HIS A 149 2.37 -1.57 25.43
C HIS A 149 1.28 -2.65 25.45
N ASN A 163 -3.12 -4.68 16.40
CA ASN A 163 -2.52 -3.57 15.67
C ASN A 163 -1.96 -2.52 16.67
N ALA A 164 -1.65 -2.95 17.88
CA ALA A 164 -0.96 -2.10 18.82
C ALA A 164 0.53 -2.23 18.60
N LEU A 165 1.30 -1.61 19.49
CA LEU A 165 2.75 -1.57 19.47
C LEU A 165 3.29 -2.14 20.77
N ASP A 166 4.43 -2.82 20.69
CA ASP A 166 5.13 -3.22 21.91
C ASP A 166 6.64 -3.28 21.65
N LEU A 167 7.37 -3.60 22.73
CA LEU A 167 8.84 -3.58 22.71
C LEU A 167 9.43 -4.41 21.57
N GLU A 168 8.82 -5.57 21.30
CA GLU A 168 9.35 -6.45 20.27
C GLU A 168 9.28 -5.82 18.87
N ASP A 169 8.26 -4.98 18.63
CA ASP A 169 8.22 -4.23 17.37
C ASP A 169 9.37 -3.23 17.26
N LEU A 170 9.68 -2.52 18.35
CA LEU A 170 10.76 -1.55 18.32
C LEU A 170 12.11 -2.22 18.15
N LEU A 171 12.29 -3.38 18.78
CA LEU A 171 13.48 -4.20 18.52
C LEU A 171 13.58 -4.56 17.04
N SER A 172 12.46 -4.99 16.46
CA SER A 172 12.43 -5.38 15.07
C SER A 172 12.83 -4.21 14.17
N PHE A 173 12.26 -3.04 14.45
CA PHE A 173 12.59 -1.81 13.71
C PHE A 173 14.08 -1.51 13.85
N SER A 174 14.59 -1.60 15.08
CA SER A 174 16.03 -1.51 15.32
C SER A 174 16.80 -2.42 14.38
N TYR A 175 16.37 -3.68 14.36
CA TYR A 175 17.10 -4.73 13.68
C TYR A 175 17.08 -4.49 12.19
N GLN A 176 15.89 -4.26 11.64
CA GLN A 176 15.76 -4.10 10.19
C GLN A 176 16.52 -2.89 9.69
N VAL A 177 16.37 -1.76 10.37
CA VAL A 177 17.05 -0.54 9.92
C VAL A 177 18.57 -0.72 9.97
N ALA A 178 19.09 -1.39 10.99
CA ALA A 178 20.51 -1.66 11.01
C ALA A 178 20.91 -2.55 9.86
N LYS A 179 20.04 -3.48 9.47
CA LYS A 179 20.42 -4.35 8.37
C LYS A 179 20.44 -3.57 7.07
N GLY A 180 19.40 -2.78 6.84
CA GLY A 180 19.40 -1.92 5.67
C GLY A 180 20.63 -1.03 5.62
N MET A 181 21.02 -0.49 6.78
CA MET A 181 22.23 0.33 6.82
C MET A 181 23.47 -0.52 6.56
N ALA A 182 23.56 -1.71 7.15
CA ALA A 182 24.73 -2.56 6.93
C ALA A 182 24.90 -2.87 5.45
N PHE A 183 23.78 -3.02 4.74
CA PHE A 183 23.78 -3.25 3.29
C PHE A 183 24.36 -2.06 2.54
N LEU A 184 23.92 -0.84 2.88
CA LEU A 184 24.47 0.33 2.22
C LEU A 184 25.97 0.41 2.45
N ALA A 185 26.39 0.23 3.71
CA ALA A 185 27.81 0.24 3.97
C ALA A 185 28.54 -0.83 3.17
N SER A 186 27.91 -1.97 2.92
CA SER A 186 28.57 -2.99 2.13
C SER A 186 28.80 -2.55 0.69
N LYS A 187 28.07 -1.56 0.21
CA LYS A 187 28.24 -1.06 -1.15
C LYS A 187 28.83 0.35 -1.12
N ASN A 188 29.71 0.57 -0.16
CA ASN A 188 30.42 1.82 0.00
C ASN A 188 29.50 3.05 -0.09
N CYS A 189 28.27 2.92 0.40
CA CYS A 189 27.28 4.01 0.33
C CYS A 189 26.96 4.56 1.72
N ILE A 190 26.94 5.90 1.84
CA ILE A 190 26.51 6.58 3.05
C ILE A 190 25.21 7.35 2.77
N HIS A 191 24.23 7.19 3.67
CA HIS A 191 22.91 7.76 3.42
C HIS A 191 22.87 9.27 3.73
N ARG A 192 23.49 9.68 4.85
CA ARG A 192 23.69 11.07 5.26
C ARG A 192 22.42 11.78 5.69
N ASP A 193 21.32 11.04 5.84
CA ASP A 193 20.06 11.65 6.27
C ASP A 193 19.21 10.59 6.95
N LEU A 194 19.86 9.76 7.75
CA LEU A 194 19.21 8.68 8.51
C LEU A 194 18.39 9.28 9.64
N ALA A 195 17.08 9.04 9.61
CA ALA A 195 16.17 9.52 10.64
C ALA A 195 14.85 8.76 10.52
N ALA A 196 14.02 8.85 11.56
CA ALA A 196 12.75 8.15 11.53
C ALA A 196 11.87 8.65 10.39
N ARG A 197 11.96 9.96 10.07
CA ARG A 197 11.19 10.53 8.96
C ARG A 197 11.54 9.94 7.61
N ASN A 198 12.73 9.34 7.47
CA ASN A 198 13.15 8.73 6.20
C ASN A 198 13.08 7.23 6.23
N ILE A 199 12.23 6.66 7.09
CA ILE A 199 12.01 5.24 7.16
C ILE A 199 10.53 4.99 6.99
N LEU A 200 10.19 4.22 5.98
CA LEU A 200 8.82 3.87 5.67
C LEU A 200 8.52 2.49 6.21
N LEU A 201 7.25 2.29 6.55
CA LEU A 201 6.79 1.01 7.07
C LEU A 201 5.74 0.50 6.11
N THR A 202 5.90 -0.75 5.63
CA THR A 202 5.00 -1.32 4.65
C THR A 202 4.27 -2.54 5.23
N HIS A 203 3.60 -3.29 4.35
CA HIS A 203 2.92 -4.53 4.75
C HIS A 203 3.90 -5.45 5.46
N GLY A 204 3.45 -6.03 6.57
CA GLY A 204 4.25 -7.01 7.31
C GLY A 204 5.11 -6.40 8.38
N ARG A 205 4.86 -5.13 8.72
CA ARG A 205 5.73 -4.35 9.62
C ARG A 205 7.18 -4.37 9.15
N ILE A 206 7.39 -4.27 7.84
CA ILE A 206 8.72 -4.18 7.26
C ILE A 206 9.12 -2.72 7.10
N THR A 207 10.32 -2.38 7.56
CA THR A 207 10.85 -1.03 7.44
C THR A 207 11.69 -0.88 6.17
N LYS A 208 11.52 0.25 5.49
CA LYS A 208 12.29 0.53 4.28
C LYS A 208 12.94 1.89 4.43
N ILE A 209 14.23 1.97 4.13
CA ILE A 209 14.91 3.27 4.08
C ILE A 209 14.58 3.96 2.75
N CYS A 210 14.27 5.26 2.80
CA CYS A 210 13.89 6.08 1.65
C CYS A 210 14.68 7.39 1.67
N ASP A 211 14.41 8.28 0.70
CA ASP A 211 15.06 9.59 0.50
C ASP A 211 16.58 9.60 0.50
N PHE A 212 17.13 9.14 -0.62
CA PHE A 212 18.56 9.06 -0.84
C PHE A 212 19.11 10.33 -1.53
N GLY A 213 18.39 11.45 -1.39
CA GLY A 213 18.86 12.68 -2.00
C GLY A 213 20.26 13.08 -1.56
N LEU A 214 20.62 12.84 -0.31
CA LEU A 214 21.94 13.22 0.15
C LEU A 214 22.94 12.08 0.11
N ALA A 215 22.55 10.90 -0.37
CA ALA A 215 23.43 9.74 -0.35
C ALA A 215 24.60 9.90 -1.31
N ARG A 216 25.75 9.36 -0.91
CA ARG A 216 26.99 9.37 -1.67
C ARG A 216 27.62 7.97 -1.68
N VAL A 217 28.43 7.70 -2.70
CA VAL A 217 29.18 6.45 -2.77
C VAL A 217 30.67 6.82 -2.60
N ILE A 218 31.29 6.24 -1.58
CA ILE A 218 32.60 6.61 -1.07
C ILE A 218 33.65 5.50 -1.26
N LYS A 219 33.72 4.97 -2.48
CA LYS A 219 34.77 4.01 -2.87
C LYS A 219 36.16 4.65 -2.88
N ASN A 220 36.32 5.80 -3.56
CA ASN A 220 37.66 6.33 -3.84
C ASN A 220 38.29 6.93 -2.58
N ASP A 221 37.60 7.90 -1.95
CA ASP A 221 38.10 8.57 -0.76
C ASP A 221 37.42 7.97 0.47
N SER A 222 38.13 7.95 1.60
CA SER A 222 37.52 7.42 2.82
C SER A 222 36.60 8.42 3.49
N ASN A 223 36.55 9.63 2.98
CA ASN A 223 35.75 10.69 3.58
C ASN A 223 34.79 11.14 2.49
N TYR A 224 33.86 12.00 2.85
CA TYR A 224 33.15 12.83 1.90
C TYR A 224 32.99 14.21 2.51
N VAL A 225 33.42 15.25 1.80
CA VAL A 225 33.26 16.61 2.30
C VAL A 225 32.25 17.31 1.41
N ASP A 226 31.27 17.94 2.03
CA ASP A 226 30.18 18.60 1.33
C ASP A 226 30.48 20.09 1.27
N LYS A 227 29.92 20.74 0.26
CA LYS A 227 30.00 22.18 0.11
C LYS A 227 28.58 22.79 0.26
N ALA A 230 24.27 22.42 1.56
CA ALA A 230 22.82 22.68 1.56
C ALA A 230 22.28 22.73 2.98
N ARG A 231 20.96 22.62 3.10
CA ARG A 231 20.32 22.59 4.39
C ARG A 231 20.41 21.15 4.91
N LEU A 232 20.64 21.04 6.21
CA LEU A 232 21.14 19.79 6.74
C LEU A 232 20.45 19.43 8.05
N PRO A 233 20.35 18.12 8.34
CA PRO A 233 19.77 17.62 9.59
C PRO A 233 20.72 17.68 10.79
N VAL A 234 20.94 18.91 11.27
CA VAL A 234 21.88 19.16 12.37
C VAL A 234 21.66 18.19 13.52
N LYS A 235 20.42 18.04 13.99
CA LYS A 235 20.23 17.24 15.19
C LYS A 235 20.45 15.75 14.97
N TRP A 236 20.67 15.32 13.74
CA TRP A 236 21.04 13.95 13.42
C TRP A 236 22.50 13.82 12.98
N MET A 237 23.24 14.93 12.86
CA MET A 237 24.59 14.89 12.27
C MET A 237 25.68 14.69 13.32
N ALA A 238 26.69 13.91 12.95
CA ALA A 238 27.85 13.74 13.81
C ALA A 238 28.66 15.05 13.92
N PRO A 239 29.45 15.19 15.00
CA PRO A 239 30.21 16.43 15.18
C PRO A 239 31.14 16.73 14.02
N GLU A 240 31.93 15.73 13.60
CA GLU A 240 32.87 15.94 12.51
C GLU A 240 32.17 16.39 11.25
N SER A 241 30.89 16.03 11.11
CA SER A 241 30.12 16.49 9.95
C SER A 241 29.77 17.95 10.10
N ILE A 242 29.40 18.37 11.32
CA ILE A 242 29.05 19.75 11.54
C ILE A 242 30.31 20.61 11.52
N PHE A 243 31.33 20.16 12.23
CA PHE A 243 32.47 21.03 12.44
C PHE A 243 33.42 21.01 11.26
N ASN A 244 33.62 19.85 10.64
CA ASN A 244 34.59 19.77 9.56
C ASN A 244 33.99 19.36 8.23
N SER A 245 32.68 19.20 8.17
CA SER A 245 31.96 18.83 6.95
C SER A 245 32.33 17.44 6.43
N VAL A 246 32.83 16.52 7.26
CA VAL A 246 33.21 15.19 6.76
C VAL A 246 32.10 14.19 7.10
N TYR A 247 31.84 13.29 6.16
CA TYR A 247 30.83 12.26 6.24
C TYR A 247 31.52 10.93 5.96
N THR A 248 31.26 9.93 6.79
CA THR A 248 31.89 8.62 6.64
C THR A 248 30.89 7.54 7.03
N PHE A 249 31.31 6.27 7.00
CA PHE A 249 30.45 5.22 7.51
C PHE A 249 30.14 5.46 8.97
N GLU A 250 31.11 6.02 9.71
CA GLU A 250 30.95 6.28 11.14
C GLU A 250 29.94 7.39 11.43
N SER A 251 29.80 8.37 10.52
CA SER A 251 28.84 9.44 10.72
C SER A 251 27.40 8.94 10.47
N ASP A 252 27.22 7.99 9.55
CA ASP A 252 25.91 7.35 9.41
C ASP A 252 25.52 6.61 10.69
N VAL A 253 26.49 5.92 11.31
CA VAL A 253 26.23 5.21 12.55
C VAL A 253 25.75 6.16 13.61
N TRP A 254 26.40 7.34 13.73
CA TRP A 254 25.93 8.37 14.64
C TRP A 254 24.45 8.68 14.41
N SER A 255 24.08 8.90 13.15
CA SER A 255 22.68 9.16 12.85
C SER A 255 21.82 8.00 13.32
N TYR A 256 22.31 6.77 13.11
CA TYR A 256 21.58 5.57 13.55
C TYR A 256 21.30 5.61 15.06
N GLY A 257 22.29 6.05 15.84
CA GLY A 257 22.08 6.28 17.26
C GLY A 257 20.92 7.20 17.57
N ILE A 258 20.89 8.39 16.92
CA ILE A 258 19.81 9.36 17.12
C ILE A 258 18.48 8.75 16.70
N PHE A 259 18.50 7.94 15.64
CA PHE A 259 17.29 7.26 15.19
C PHE A 259 16.74 6.36 16.27
N LEU A 260 17.63 5.60 16.94
CA LEU A 260 17.17 4.72 18.02
C LEU A 260 16.46 5.53 19.10
N TRP A 261 17.06 6.68 19.44
CA TRP A 261 16.46 7.56 20.43
C TRP A 261 15.06 7.99 19.99
N GLU A 262 14.92 8.42 18.74
CA GLU A 262 13.60 8.64 18.18
C GLU A 262 12.72 7.43 18.40
N LEU A 263 13.29 6.25 18.15
CA LEU A 263 12.52 5.01 18.09
C LEU A 263 12.01 4.60 19.44
N PHE A 264 12.89 4.55 20.43
CA PHE A 264 12.49 4.08 21.74
C PHE A 264 11.84 5.18 22.54
N SER A 265 11.84 6.39 22.03
CA SER A 265 11.06 7.43 22.65
C SER A 265 9.69 7.60 22.00
N LEU A 266 9.32 6.70 21.10
CA LEU A 266 8.06 6.76 20.37
C LEU A 266 7.84 8.11 19.68
N GLY A 267 8.84 8.46 18.87
CA GLY A 267 8.72 9.55 17.92
C GLY A 267 8.87 10.93 18.50
N SER A 268 9.69 11.05 19.52
CA SER A 268 9.93 12.31 20.16
C SER A 268 11.09 12.99 19.43
N SER A 269 11.09 14.34 19.44
CA SER A 269 12.10 15.13 18.70
C SER A 269 13.43 15.08 19.44
N PRO A 270 14.56 14.93 18.75
CA PRO A 270 15.84 14.92 19.47
C PRO A 270 16.19 16.24 20.17
N TYR A 271 16.94 16.12 21.25
CA TYR A 271 17.39 17.24 22.06
C TYR A 271 16.18 18.17 22.34
N PRO A 272 15.15 17.67 23.03
CA PRO A 272 13.87 18.35 23.08
C PRO A 272 13.95 19.75 23.69
N GLY A 273 13.33 20.70 23.00
CA GLY A 273 13.37 22.05 23.45
C GLY A 273 14.68 22.76 23.22
N MET A 274 15.66 22.10 22.60
CA MET A 274 16.95 22.73 22.40
C MET A 274 17.02 23.33 21.01
N PRO A 275 17.00 24.65 20.86
CA PRO A 275 17.18 25.22 19.53
C PRO A 275 18.61 25.00 19.03
N VAL A 276 18.73 24.91 17.72
CA VAL A 276 20.01 24.76 17.05
C VAL A 276 20.70 26.13 17.09
N ASP A 277 21.54 26.33 18.09
CA ASP A 277 22.28 27.59 18.21
C ASP A 277 23.66 27.26 18.76
N SER A 278 24.38 28.30 19.16
CA SER A 278 25.73 28.14 19.67
C SER A 278 25.76 27.25 20.92
N LYS A 279 24.79 27.44 21.82
CA LYS A 279 24.65 26.63 23.03
C LYS A 279 24.60 25.15 22.69
N PHE A 280 23.92 24.79 21.59
CA PHE A 280 23.80 23.40 21.16
C PHE A 280 25.16 22.83 20.74
N TYR A 281 25.85 23.51 19.79
CA TYR A 281 27.12 23.03 19.27
C TYR A 281 28.16 22.80 20.36
N LYS A 282 28.21 23.66 21.38
CA LYS A 282 29.21 23.45 22.42
C LYS A 282 28.93 22.15 23.17
N MET A 283 27.71 22.02 23.71
CA MET A 283 27.29 20.84 24.46
C MET A 283 27.62 19.57 23.70
N ILE A 284 27.41 19.58 22.38
CA ILE A 284 27.83 18.47 21.54
C ILE A 284 29.34 18.31 21.61
N LYS A 285 30.07 19.39 21.39
CA LYS A 285 31.49 19.19 21.30
C LYS A 285 32.08 18.83 22.65
N GLU A 286 31.54 19.38 23.74
CA GLU A 286 32.03 19.02 25.07
C GLU A 286 31.71 17.56 25.39
N GLY A 287 30.70 16.97 24.74
CA GLY A 287 30.44 15.55 24.90
C GLY A 287 29.09 15.20 25.47
N PHE A 288 28.19 16.18 25.61
CA PHE A 288 26.89 15.90 26.18
C PHE A 288 26.03 15.12 25.17
N ARG A 289 25.23 14.20 25.70
CA ARG A 289 24.45 13.30 24.87
C ARG A 289 23.07 13.14 25.48
N MET A 290 22.09 12.82 24.64
CA MET A 290 20.75 12.57 25.18
C MET A 290 20.79 11.40 26.15
N SER A 291 19.86 11.41 27.06
CA SER A 291 19.75 10.38 28.07
C SER A 291 18.93 9.21 27.51
N SER A 292 18.78 8.12 28.28
CA SER A 292 18.07 6.97 27.76
C SER A 292 16.59 7.29 27.63
N PRO A 293 15.96 6.99 26.49
CA PRO A 293 14.51 7.20 26.37
C PRO A 293 13.73 6.19 27.22
N GLU A 294 12.43 6.48 27.37
CA GLU A 294 11.62 5.78 28.36
C GLU A 294 11.64 4.25 28.17
N HIS A 295 11.39 3.79 26.94
CA HIS A 295 11.25 2.38 26.67
C HIS A 295 12.49 1.74 26.05
N ALA A 296 13.68 2.24 26.32
CA ALA A 296 14.85 1.66 25.66
C ALA A 296 15.51 0.66 26.59
N PRO A 297 15.56 -0.63 26.24
CA PRO A 297 16.30 -1.60 27.06
C PRO A 297 17.75 -1.14 27.26
N ALA A 298 18.28 -1.40 28.47
CA ALA A 298 19.61 -0.88 28.82
C ALA A 298 20.65 -1.17 27.75
N GLU A 299 20.64 -2.38 27.17
CA GLU A 299 21.63 -2.76 26.15
C GLU A 299 21.36 -2.12 24.81
N MET A 300 20.13 -1.64 24.60
CA MET A 300 19.89 -0.82 23.42
C MET A 300 20.40 0.59 23.62
N TYR A 301 20.34 1.09 24.85
CA TYR A 301 20.90 2.41 25.12
C TYR A 301 22.42 2.41 25.01
N ASP A 302 23.04 1.30 25.42
CA ASP A 302 24.49 1.14 25.31
C ASP A 302 24.91 1.27 23.85
N ILE A 303 24.05 0.81 22.94
CA ILE A 303 24.33 0.97 21.53
C ILE A 303 24.26 2.44 21.14
N MET A 304 23.24 3.18 21.61
CA MET A 304 23.23 4.60 21.26
C MET A 304 24.50 5.28 21.73
N LYS A 305 24.94 4.93 22.93
CA LYS A 305 26.06 5.65 23.50
C LYS A 305 27.31 5.42 22.67
N THR A 306 27.51 4.20 22.19
CA THR A 306 28.70 3.99 21.40
C THR A 306 28.57 4.59 20.00
N CYS A 307 27.34 4.71 19.47
CA CYS A 307 27.17 5.44 18.22
C CYS A 307 27.53 6.92 18.37
N TRP A 308 27.42 7.45 19.60
CA TRP A 308 27.64 8.87 19.86
C TRP A 308 29.01 9.17 20.45
N ASP A 309 29.97 8.29 20.27
CA ASP A 309 31.31 8.56 20.74
C ASP A 309 31.96 9.64 19.86
N ALA A 310 32.59 10.64 20.48
CA ALA A 310 33.23 11.69 19.67
C ALA A 310 34.29 11.12 18.73
N ASP A 311 34.89 10.00 19.11
CA ASP A 311 35.88 9.34 18.27
C ASP A 311 35.15 8.47 17.28
N PRO A 312 35.17 8.79 15.98
CA PRO A 312 34.50 7.93 15.02
C PRO A 312 35.01 6.50 15.09
N ASP A 313 36.28 6.28 15.43
CA ASP A 313 36.83 4.95 15.34
C ASP A 313 36.35 4.05 16.46
N LYS A 314 35.94 4.64 17.58
CA LYS A 314 35.35 3.89 18.67
C LYS A 314 33.86 3.60 18.46
N ARG A 315 33.26 4.11 17.40
CA ARG A 315 31.89 3.75 17.08
C ARG A 315 31.84 2.34 16.49
N PRO A 316 30.72 1.64 16.66
CA PRO A 316 30.57 0.29 16.09
C PRO A 316 30.24 0.37 14.61
N THR A 317 30.33 -0.77 13.97
CA THR A 317 29.84 -0.87 12.60
C THR A 317 28.40 -1.37 12.59
N PHE A 318 27.70 -1.11 11.48
CA PHE A 318 26.37 -1.67 11.29
C PHE A 318 26.41 -3.21 11.33
N LYS A 319 27.47 -3.83 10.78
CA LYS A 319 27.63 -5.26 10.93
C LYS A 319 27.61 -5.65 12.41
N GLN A 320 28.40 -4.97 13.23
CA GLN A 320 28.40 -5.29 14.65
C GLN A 320 27.03 -5.02 15.28
N ILE A 321 26.40 -3.90 14.93
CA ILE A 321 25.09 -3.58 15.50
C ILE A 321 24.09 -4.68 15.20
N VAL A 322 24.07 -5.17 13.96
CA VAL A 322 23.09 -6.18 13.58
C VAL A 322 23.29 -7.45 14.42
N GLN A 323 24.55 -7.82 14.67
CA GLN A 323 24.87 -8.94 15.55
C GLN A 323 24.37 -8.69 16.98
N ASP A 324 24.56 -7.47 17.50
CA ASP A 324 24.18 -7.18 18.88
C ASP A 324 22.68 -7.34 19.08
N ILE A 325 21.89 -6.64 18.28
CA ILE A 325 20.44 -6.67 18.34
C ILE A 325 19.91 -8.09 18.13
N GLU A 326 20.49 -8.85 17.20
CA GLU A 326 20.07 -10.22 16.98
C GLU A 326 20.22 -11.07 18.23
N LYS A 327 21.29 -10.84 18.99
CA LYS A 327 21.45 -11.61 20.21
C LYS A 327 20.45 -11.14 21.28
N GLN A 328 20.24 -9.82 21.37
CA GLN A 328 19.24 -9.31 22.29
C GLN A 328 17.87 -9.89 21.99
N ILE A 329 17.50 -9.95 20.72
CA ILE A 329 16.22 -10.56 20.34
C ILE A 329 16.16 -12.03 20.76
N SER A 330 17.22 -12.81 20.48
CA SER A 330 17.21 -14.24 20.84
C SER A 330 16.89 -14.44 22.32
N GLU A 331 17.53 -13.66 23.19
CA GLU A 331 17.30 -13.82 24.64
C GLU A 331 15.96 -13.19 24.98
N SER A 332 14.91 -14.00 24.81
CA SER A 332 13.51 -13.61 25.02
C SER A 332 12.60 -14.88 25.13
N ILE B 30 -19.89 -12.04 -27.74
CA ILE B 30 -18.85 -12.89 -27.19
C ILE B 30 -19.09 -12.95 -25.69
N ASP B 31 -19.22 -14.15 -25.10
CA ASP B 31 -19.35 -14.26 -23.66
C ASP B 31 -17.99 -14.56 -23.07
N PRO B 32 -17.39 -13.64 -22.31
CA PRO B 32 -16.06 -13.91 -21.75
C PRO B 32 -15.99 -15.18 -20.91
N THR B 33 -17.09 -15.58 -20.26
CA THR B 33 -17.07 -16.76 -19.41
C THR B 33 -16.83 -18.05 -20.18
N GLN B 34 -17.10 -18.06 -21.48
CA GLN B 34 -16.88 -19.22 -22.33
C GLN B 34 -15.63 -19.08 -23.20
N LEU B 35 -14.85 -18.01 -23.01
CA LEU B 35 -13.56 -17.93 -23.67
C LEU B 35 -12.51 -18.76 -22.93
N PRO B 36 -11.47 -19.22 -23.62
CA PRO B 36 -10.43 -20.00 -22.94
C PRO B 36 -9.54 -19.13 -22.06
N TYR B 37 -9.01 -19.75 -21.02
CA TYR B 37 -8.06 -19.08 -20.13
C TYR B 37 -6.86 -18.56 -20.91
N ASP B 38 -6.57 -17.28 -20.72
CA ASP B 38 -5.44 -16.63 -21.37
C ASP B 38 -4.22 -16.82 -20.48
N HIS B 39 -3.20 -17.53 -20.98
CA HIS B 39 -2.01 -17.81 -20.20
C HIS B 39 -1.08 -16.60 -20.14
N LYS B 40 -1.58 -15.43 -20.53
CA LYS B 40 -0.89 -14.18 -20.22
C LYS B 40 -0.77 -14.00 -18.72
N TRP B 41 -1.73 -14.56 -17.97
CA TRP B 41 -1.86 -14.37 -16.55
C TRP B 41 -1.10 -15.39 -15.73
N GLU B 42 -0.66 -16.48 -16.35
CA GLU B 42 0.01 -17.57 -15.64
C GLU B 42 1.20 -17.04 -14.86
N PHE B 43 1.36 -17.54 -13.64
CA PHE B 43 2.46 -17.15 -12.80
C PHE B 43 2.98 -18.37 -12.04
N PRO B 44 4.29 -18.52 -11.95
CA PRO B 44 4.83 -19.72 -11.30
C PRO B 44 4.49 -19.70 -9.81
N ARG B 45 3.82 -20.75 -9.36
CA ARG B 45 3.49 -20.82 -7.95
C ARG B 45 4.75 -20.88 -7.08
N ASN B 46 5.87 -21.35 -7.64
CA ASN B 46 7.13 -21.36 -6.91
C ASN B 46 7.53 -19.98 -6.39
N ARG B 47 7.16 -18.90 -7.10
CA ARG B 47 7.54 -17.56 -6.67
C ARG B 47 6.45 -16.88 -5.83
N LEU B 48 5.63 -17.67 -5.13
CA LEU B 48 4.68 -17.16 -4.14
C LEU B 48 5.02 -17.73 -2.79
N SER B 49 4.98 -16.88 -1.76
CA SER B 49 5.23 -17.29 -0.38
C SER B 49 3.99 -16.89 0.40
N PHE B 50 3.25 -17.88 0.88
CA PHE B 50 1.97 -17.66 1.54
C PHE B 50 2.19 -17.22 2.97
N GLY B 51 1.54 -16.13 3.34
CA GLY B 51 1.56 -15.65 4.70
C GLY B 51 0.27 -15.93 5.42
N LYS B 52 -0.27 -14.92 6.09
CA LYS B 52 -1.43 -15.18 6.91
C LYS B 52 -2.68 -15.38 6.06
N THR B 53 -3.64 -16.13 6.59
CA THR B 53 -4.94 -16.28 5.96
C THR B 53 -5.77 -15.04 6.21
N LEU B 54 -6.34 -14.49 5.13
CA LEU B 54 -6.93 -13.16 5.13
C LEU B 54 -8.45 -13.13 5.20
N GLY B 55 -9.13 -14.13 4.66
CA GLY B 55 -10.59 -14.16 4.65
C GLY B 55 -11.24 -15.48 4.23
N GLY B 60 -13.61 -22.10 -1.01
CA GLY B 60 -12.48 -21.21 -1.30
C GLY B 60 -12.13 -20.14 -0.26
N LYS B 61 -10.91 -19.60 -0.34
CA LYS B 61 -10.47 -18.59 0.61
C LYS B 61 -9.43 -17.68 -0.03
N VAL B 62 -9.16 -16.56 0.65
CA VAL B 62 -8.14 -15.60 0.23
C VAL B 62 -7.03 -15.56 1.26
N VAL B 63 -5.79 -15.48 0.78
CA VAL B 63 -4.61 -15.54 1.64
C VAL B 63 -3.62 -14.47 1.23
N GLU B 64 -2.88 -13.96 2.21
CA GLU B 64 -1.82 -13.01 1.95
C GLU B 64 -0.61 -13.79 1.43
N ALA B 65 0.07 -13.22 0.43
CA ALA B 65 1.28 -13.85 -0.09
C ALA B 65 2.19 -12.76 -0.66
N THR B 66 3.45 -13.12 -0.83
CA THR B 66 4.44 -12.29 -1.50
C THR B 66 4.81 -12.94 -2.82
N ALA B 67 4.90 -12.14 -3.87
CA ALA B 67 5.20 -12.64 -5.21
C ALA B 67 6.52 -12.05 -5.70
N GLN B 68 7.50 -12.93 -5.96
CA GLN B 68 8.79 -12.56 -6.55
C GLN B 68 8.69 -12.67 -8.07
N GLY B 69 9.19 -11.65 -8.78
CA GLY B 69 9.22 -11.80 -10.23
C GLY B 69 7.93 -11.37 -10.92
N LEU B 70 6.97 -10.82 -10.17
CA LEU B 70 5.77 -10.27 -10.75
C LEU B 70 5.98 -8.89 -11.36
N ILE B 71 7.07 -8.20 -11.00
CA ILE B 71 7.38 -6.88 -11.54
C ILE B 71 8.57 -7.03 -12.48
N LYS B 72 8.56 -6.25 -13.56
CA LYS B 72 9.67 -6.24 -14.52
C LYS B 72 10.98 -5.90 -13.83
N SER B 73 10.93 -5.08 -12.77
CA SER B 73 12.09 -4.70 -11.98
C SER B 73 12.63 -5.83 -11.13
N ASP B 74 12.02 -7.00 -11.14
CA ASP B 74 12.42 -8.11 -10.27
C ASP B 74 12.28 -7.71 -8.80
N ALA B 75 11.17 -7.09 -8.47
CA ALA B 75 10.91 -6.68 -7.10
C ALA B 75 9.91 -7.64 -6.47
N ALA B 76 9.86 -7.60 -5.14
CA ALA B 76 8.97 -8.42 -4.34
C ALA B 76 7.65 -7.69 -4.14
N MET B 77 6.54 -8.43 -4.17
CA MET B 77 5.27 -7.74 -4.06
C MET B 77 4.30 -8.48 -3.16
N THR B 78 3.50 -7.72 -2.42
CA THR B 78 2.46 -8.27 -1.57
C THR B 78 1.18 -8.37 -2.37
N VAL B 79 0.56 -9.55 -2.34
CA VAL B 79 -0.64 -9.83 -3.10
C VAL B 79 -1.62 -10.63 -2.26
N ALA B 80 -2.85 -10.71 -2.75
CA ALA B 80 -3.91 -11.51 -2.17
C ALA B 80 -4.19 -12.66 -3.12
N VAL B 81 -4.15 -13.89 -2.62
CA VAL B 81 -4.30 -15.08 -3.44
C VAL B 81 -5.62 -15.77 -3.06
N LYS B 82 -6.46 -16.03 -4.06
CA LYS B 82 -7.74 -16.71 -3.86
C LYS B 82 -7.61 -18.17 -4.27
N MET B 83 -8.02 -19.07 -3.38
CA MET B 83 -7.75 -20.49 -3.55
C MET B 83 -9.02 -21.28 -3.24
N LEU B 84 -8.97 -22.60 -3.47
CA LEU B 84 -10.08 -23.51 -3.12
C LEU B 84 -9.59 -24.73 -2.32
N LYS B 85 -10.52 -25.33 -1.57
CA LYS B 85 -10.28 -26.61 -0.88
C LYS B 85 -10.81 -27.76 -1.72
N PRO B 86 -10.58 -29.02 -1.28
CA PRO B 86 -9.78 -29.54 -0.17
C PRO B 86 -8.30 -29.52 -0.49
N SER B 90 -17.78 -29.55 -7.02
CA SER B 90 -17.12 -29.22 -8.28
C SER B 90 -17.48 -27.83 -8.79
N THR B 91 -18.72 -27.40 -8.54
CA THR B 91 -19.22 -26.14 -9.10
C THR B 91 -18.40 -24.92 -8.69
N GLU B 92 -17.64 -25.00 -7.60
CA GLU B 92 -16.82 -23.87 -7.17
C GLU B 92 -15.61 -23.68 -8.07
N ARG B 93 -15.03 -24.78 -8.58
CA ARG B 93 -14.04 -24.76 -9.66
C ARG B 93 -14.39 -23.77 -10.77
N GLU B 94 -15.64 -23.85 -11.26
CA GLU B 94 -16.11 -22.98 -12.33
C GLU B 94 -16.22 -21.55 -11.81
N ALA B 95 -16.77 -21.38 -10.60
CA ALA B 95 -16.95 -20.04 -10.06
C ALA B 95 -15.63 -19.29 -9.96
N LEU B 96 -14.57 -19.99 -9.58
CA LEU B 96 -13.26 -19.37 -9.53
C LEU B 96 -12.75 -19.05 -10.93
N MET B 97 -12.84 -20.01 -11.88
CA MET B 97 -12.44 -19.74 -13.26
C MET B 97 -13.29 -18.66 -13.93
N SER B 98 -14.61 -18.76 -13.75
CA SER B 98 -15.52 -17.71 -14.21
C SER B 98 -15.07 -16.35 -13.70
N GLU B 99 -14.97 -16.21 -12.37
CA GLU B 99 -14.50 -14.97 -11.74
C GLU B 99 -13.23 -14.47 -12.42
N LEU B 100 -12.33 -15.41 -12.76
CA LEU B 100 -11.03 -15.04 -13.31
C LEU B 100 -11.19 -14.53 -14.75
N LYS B 101 -12.06 -15.17 -15.54
CA LYS B 101 -12.30 -14.73 -16.91
C LYS B 101 -13.03 -13.39 -16.96
N VAL B 102 -13.95 -13.16 -16.03
CA VAL B 102 -14.66 -11.89 -15.98
C VAL B 102 -13.70 -10.77 -15.63
N LEU B 103 -12.88 -10.97 -14.60
CA LEU B 103 -11.88 -9.96 -14.23
C LEU B 103 -10.92 -9.69 -15.39
N SER B 104 -10.45 -10.74 -16.06
CA SER B 104 -9.61 -10.59 -17.25
C SER B 104 -10.31 -9.80 -18.34
N TYR B 105 -11.60 -10.11 -18.57
CA TYR B 105 -12.40 -9.39 -19.55
C TYR B 105 -12.61 -7.93 -19.17
N LEU B 106 -13.09 -7.70 -17.95
CA LEU B 106 -13.40 -6.35 -17.47
C LEU B 106 -12.23 -5.40 -17.67
N GLY B 107 -11.00 -5.91 -17.57
CA GLY B 107 -9.84 -5.05 -17.56
C GLY B 107 -9.64 -4.47 -16.17
N ASN B 108 -8.81 -3.43 -16.08
CA ASN B 108 -8.54 -2.83 -14.79
C ASN B 108 -9.19 -1.46 -14.67
N HIS B 109 -9.71 -1.20 -13.48
CA HIS B 109 -10.39 0.05 -13.09
C HIS B 109 -10.07 0.33 -11.62
N GLU B 110 -10.16 1.62 -11.25
CA GLU B 110 -9.81 2.08 -9.91
C GLU B 110 -10.65 1.42 -8.82
N ASN B 111 -11.93 1.14 -9.10
CA ASN B 111 -12.84 0.60 -8.10
C ASN B 111 -13.12 -0.89 -8.26
N ILE B 112 -12.27 -1.62 -8.99
CA ILE B 112 -12.33 -3.07 -9.10
C ILE B 112 -11.00 -3.65 -8.65
N VAL B 113 -11.10 -4.69 -7.83
CA VAL B 113 -9.92 -5.35 -7.35
C VAL B 113 -9.05 -5.74 -8.54
N ASN B 114 -7.78 -5.38 -8.48
CA ASN B 114 -6.89 -5.63 -9.61
C ASN B 114 -6.52 -7.11 -9.66
N LEU B 115 -6.83 -7.76 -10.78
CA LEU B 115 -6.32 -9.09 -11.09
C LEU B 115 -4.91 -8.97 -11.64
N LEU B 116 -3.95 -9.68 -11.04
CA LEU B 116 -2.57 -9.62 -11.50
C LEU B 116 -2.03 -10.91 -12.07
N GLY B 117 -2.61 -12.05 -11.73
CA GLY B 117 -2.18 -13.28 -12.35
C GLY B 117 -2.98 -14.44 -11.81
N ALA B 118 -2.52 -15.64 -12.16
CA ALA B 118 -3.21 -16.85 -11.75
C ALA B 118 -2.25 -18.01 -11.93
N CYS B 119 -2.46 -19.04 -11.14
CA CYS B 119 -1.71 -20.28 -11.20
C CYS B 119 -2.67 -21.33 -11.70
N THR B 120 -2.32 -21.96 -12.80
CA THR B 120 -3.16 -22.94 -13.45
C THR B 120 -2.46 -24.27 -13.67
N HIS B 121 -1.15 -24.22 -13.85
CA HIS B 121 -0.35 -25.40 -14.14
C HIS B 121 0.24 -25.93 -12.84
N GLY B 122 0.41 -27.26 -12.79
CA GLY B 122 1.05 -27.94 -11.67
C GLY B 122 0.37 -27.84 -10.32
N GLY B 123 -0.94 -28.04 -10.27
CA GLY B 123 -1.68 -27.99 -9.02
C GLY B 123 -3.00 -27.25 -9.09
N PRO B 124 -3.58 -26.95 -7.92
CA PRO B 124 -4.89 -26.28 -7.86
C PRO B 124 -4.81 -24.87 -8.44
N THR B 125 -5.96 -24.37 -8.86
CA THR B 125 -6.04 -23.04 -9.45
C THR B 125 -5.96 -21.95 -8.38
N LEU B 126 -5.10 -20.97 -8.62
CA LEU B 126 -4.92 -19.83 -7.74
C LEU B 126 -5.18 -18.57 -8.53
N VAL B 127 -5.89 -17.61 -7.92
CA VAL B 127 -6.21 -16.33 -8.53
C VAL B 127 -5.48 -15.26 -7.74
N ILE B 128 -4.48 -14.68 -8.33
CA ILE B 128 -3.71 -13.66 -7.65
C ILE B 128 -4.32 -12.31 -7.95
N THR B 129 -4.49 -11.51 -6.90
CA THR B 129 -5.03 -10.16 -7.04
C THR B 129 -4.34 -9.28 -6.04
N GLU B 130 -4.50 -7.98 -6.24
CA GLU B 130 -3.84 -6.98 -5.41
C GLU B 130 -4.39 -6.98 -3.98
N TYR B 131 -3.49 -6.77 -3.01
CA TYR B 131 -3.85 -6.77 -1.60
C TYR B 131 -4.43 -5.41 -1.18
N CYS B 132 -5.58 -5.43 -0.51
CA CYS B 132 -6.25 -4.21 -0.07
C CYS B 132 -5.94 -3.94 1.40
N CYS B 133 -5.29 -2.81 1.65
CA CYS B 133 -4.74 -2.48 2.96
C CYS B 133 -5.79 -2.54 4.06
N TYR B 134 -7.05 -2.23 3.77
CA TYR B 134 -8.08 -2.37 4.81
C TYR B 134 -9.02 -3.54 4.57
N GLY B 135 -9.10 -4.02 3.34
CA GLY B 135 -9.97 -5.14 3.10
C GLY B 135 -11.46 -4.83 3.15
N ASP B 136 -12.20 -5.83 3.62
CA ASP B 136 -13.66 -5.81 3.58
C ASP B 136 -14.19 -4.55 4.25
N LEU B 137 -15.27 -3.98 3.68
CA LEU B 137 -15.87 -2.79 4.26
C LEU B 137 -16.85 -3.14 5.35
N LEU B 138 -17.39 -4.35 5.32
CA LEU B 138 -18.43 -4.75 6.27
C LEU B 138 -17.88 -4.92 7.67
N ASN B 139 -16.85 -5.74 7.83
CA ASN B 139 -16.27 -5.98 9.15
C ASN B 139 -15.53 -4.75 9.65
N PHE B 140 -15.04 -3.94 8.71
CA PHE B 140 -14.39 -2.68 9.06
C PHE B 140 -15.34 -1.75 9.84
N LEU B 141 -16.54 -1.52 9.31
CA LEU B 141 -17.48 -0.66 10.00
C LEU B 141 -17.88 -1.27 11.33
N ASP B 166 -16.53 9.30 9.95
CA ASP B 166 -16.64 10.58 9.26
C ASP B 166 -17.48 10.43 7.97
N LEU B 167 -18.64 11.07 8.06
CA LEU B 167 -19.71 11.00 7.06
C LEU B 167 -19.26 11.31 5.63
N GLU B 168 -18.37 12.29 5.46
CA GLU B 168 -17.98 12.76 4.13
C GLU B 168 -17.34 11.66 3.28
N ASP B 169 -16.66 10.70 3.92
CA ASP B 169 -16.15 9.54 3.17
C ASP B 169 -17.29 8.66 2.67
N LEU B 170 -18.36 8.52 3.46
CA LEU B 170 -19.46 7.67 3.05
C LEU B 170 -20.09 8.16 1.76
N LEU B 171 -20.10 9.48 1.55
CA LEU B 171 -20.43 9.99 0.23
C LEU B 171 -19.49 9.42 -0.82
N SER B 172 -18.17 9.50 -0.56
CA SER B 172 -17.20 8.94 -1.50
C SER B 172 -17.33 7.42 -1.60
N PHE B 173 -17.49 6.73 -0.46
CA PHE B 173 -17.64 5.27 -0.50
C PHE B 173 -18.82 4.87 -1.36
N SER B 174 -20.01 5.37 -1.02
CA SER B 174 -21.19 5.15 -1.85
C SER B 174 -20.90 5.54 -3.29
N TYR B 175 -20.22 6.67 -3.49
CA TYR B 175 -19.90 7.18 -4.83
C TYR B 175 -18.94 6.25 -5.57
N GLN B 176 -17.88 5.81 -4.90
CA GLN B 176 -16.92 4.92 -5.55
C GLN B 176 -17.59 3.59 -5.92
N VAL B 177 -18.36 3.02 -4.99
CA VAL B 177 -19.05 1.77 -5.28
C VAL B 177 -19.99 1.94 -6.47
N ALA B 178 -20.65 3.10 -6.56
CA ALA B 178 -21.57 3.38 -7.66
C ALA B 178 -20.87 3.52 -9.02
N LYS B 179 -19.66 4.09 -9.07
CA LYS B 179 -18.94 4.27 -10.32
C LYS B 179 -18.41 2.92 -10.85
N GLY B 180 -17.84 2.11 -9.96
CA GLY B 180 -17.44 0.77 -10.38
C GLY B 180 -18.60 -0.02 -10.96
N MET B 181 -19.76 0.09 -10.32
CA MET B 181 -20.97 -0.54 -10.83
C MET B 181 -21.35 0.02 -12.17
N ALA B 182 -21.28 1.35 -12.32
CA ALA B 182 -21.53 1.94 -13.63
C ALA B 182 -20.52 1.42 -14.64
N PHE B 183 -19.29 1.17 -14.20
CA PHE B 183 -18.28 0.56 -15.05
C PHE B 183 -18.69 -0.82 -15.52
N LEU B 184 -19.20 -1.66 -14.60
CA LEU B 184 -19.60 -3.01 -14.97
C LEU B 184 -20.80 -2.97 -15.90
N ALA B 185 -21.80 -2.14 -15.59
CA ALA B 185 -22.89 -1.94 -16.53
C ALA B 185 -22.39 -1.40 -17.86
N SER B 186 -21.34 -0.56 -17.84
CA SER B 186 -20.74 -0.08 -19.08
C SER B 186 -20.18 -1.22 -19.94
N LYS B 187 -19.86 -2.34 -19.34
CA LYS B 187 -19.42 -3.51 -20.10
C LYS B 187 -20.36 -4.70 -19.92
N ASN B 188 -21.67 -4.44 -19.86
CA ASN B 188 -22.69 -5.51 -19.84
C ASN B 188 -22.38 -6.61 -18.83
N CYS B 189 -21.85 -6.23 -17.68
CA CYS B 189 -21.58 -7.18 -16.61
C CYS B 189 -22.50 -6.85 -15.44
N ILE B 190 -23.12 -7.88 -14.88
CA ILE B 190 -23.90 -7.79 -13.65
C ILE B 190 -23.20 -8.64 -12.59
N HIS B 191 -23.02 -8.06 -11.41
CA HIS B 191 -22.20 -8.67 -10.36
C HIS B 191 -22.91 -9.80 -9.63
N ARG B 192 -24.22 -9.64 -9.40
CA ARG B 192 -25.14 -10.61 -8.81
C ARG B 192 -24.88 -10.93 -7.35
N ASP B 193 -23.99 -10.19 -6.69
CA ASP B 193 -23.78 -10.40 -5.26
C ASP B 193 -23.19 -9.13 -4.64
N LEU B 194 -23.68 -7.97 -5.08
CA LEU B 194 -23.21 -6.71 -4.51
C LEU B 194 -23.69 -6.62 -3.07
N ALA B 195 -22.74 -6.53 -2.16
CA ALA B 195 -23.04 -6.38 -0.75
C ALA B 195 -21.78 -5.84 -0.07
N ALA B 196 -21.93 -5.48 1.21
CA ALA B 196 -20.82 -4.88 1.94
C ALA B 196 -19.65 -5.85 2.11
N ARG B 197 -19.92 -7.14 2.34
CA ARG B 197 -18.86 -8.13 2.55
C ARG B 197 -17.96 -8.31 1.33
N ASN B 198 -18.44 -7.94 0.15
CA ASN B 198 -17.71 -8.12 -1.10
C ASN B 198 -17.10 -6.81 -1.60
N ILE B 199 -16.81 -5.91 -0.66
CA ILE B 199 -16.22 -4.61 -0.97
C ILE B 199 -14.94 -4.46 -0.17
N LEU B 200 -13.85 -4.19 -0.88
CA LEU B 200 -12.55 -4.01 -0.28
C LEU B 200 -12.21 -2.53 -0.16
N LEU B 201 -11.43 -2.20 0.86
CA LEU B 201 -10.96 -0.84 1.08
C LEU B 201 -9.44 -0.83 1.10
N THR B 202 -8.86 0.11 0.35
CA THR B 202 -7.39 0.16 0.19
C THR B 202 -6.80 1.37 0.94
N ILE B 206 -9.91 4.30 -1.00
CA ILE B 206 -10.46 3.81 -2.25
C ILE B 206 -11.06 2.40 -2.08
N THR B 207 -12.31 2.27 -2.51
CA THR B 207 -13.05 1.01 -2.46
C THR B 207 -12.96 0.27 -3.78
N LYS B 208 -12.80 -1.06 -3.71
CA LYS B 208 -12.80 -1.93 -4.86
C LYS B 208 -13.76 -3.08 -4.65
N ILE B 209 -14.53 -3.36 -5.69
CA ILE B 209 -15.48 -4.46 -5.70
C ILE B 209 -14.70 -5.75 -5.93
N CYS B 210 -15.08 -6.82 -5.23
CA CYS B 210 -14.38 -8.10 -5.35
C CYS B 210 -15.42 -9.22 -5.48
N ASP B 211 -14.95 -10.47 -5.46
CA ASP B 211 -15.77 -11.67 -5.56
C ASP B 211 -16.75 -11.64 -6.73
N PHE B 212 -16.24 -11.91 -7.93
CA PHE B 212 -17.05 -11.94 -9.14
C PHE B 212 -17.50 -13.35 -9.51
N GLY B 213 -17.56 -14.25 -8.53
CA GLY B 213 -17.98 -15.63 -8.77
C GLY B 213 -19.37 -15.75 -9.38
N LEU B 214 -20.29 -14.87 -8.99
CA LEU B 214 -21.65 -14.93 -9.52
C LEU B 214 -21.85 -13.97 -10.69
N ALA B 215 -20.79 -13.26 -11.09
CA ALA B 215 -20.91 -12.27 -12.15
C ALA B 215 -21.08 -12.91 -13.52
N ARG B 216 -21.86 -12.24 -14.36
CA ARG B 216 -22.14 -12.70 -15.70
C ARG B 216 -22.02 -11.54 -16.68
N VAL B 217 -21.79 -11.85 -17.94
CA VAL B 217 -21.77 -10.85 -18.99
C VAL B 217 -22.93 -11.13 -19.90
N ILE B 218 -23.75 -10.11 -20.16
CA ILE B 218 -24.99 -10.33 -20.85
C ILE B 218 -24.99 -9.60 -22.18
N SER B 222 -32.54 -8.05 -22.82
CA SER B 222 -31.57 -9.09 -22.47
C SER B 222 -31.46 -9.33 -20.94
N ASN B 223 -31.74 -10.54 -20.43
CA ASN B 223 -31.59 -10.82 -19.00
C ASN B 223 -30.57 -11.93 -18.79
N TYR B 224 -30.38 -12.25 -17.52
CA TYR B 224 -29.73 -13.48 -17.09
C TYR B 224 -30.62 -14.21 -16.10
N VAL B 225 -30.96 -15.47 -16.43
CA VAL B 225 -31.77 -16.34 -15.57
C VAL B 225 -30.88 -17.48 -15.09
N ASP B 226 -30.81 -17.67 -13.77
CA ASP B 226 -29.97 -18.71 -13.19
C ASP B 226 -30.81 -19.96 -13.02
N LYS B 227 -30.19 -21.10 -13.29
CA LYS B 227 -30.85 -22.40 -13.24
C LYS B 227 -30.25 -23.29 -12.18
N GLY B 228 -28.92 -23.38 -12.14
CA GLY B 228 -28.23 -24.16 -11.14
C GLY B 228 -28.65 -23.75 -9.74
N ASN B 229 -29.50 -24.57 -9.11
CA ASN B 229 -29.93 -24.30 -7.76
C ASN B 229 -28.73 -24.25 -6.83
N ALA B 230 -28.42 -23.07 -6.31
CA ALA B 230 -27.37 -22.90 -5.31
C ALA B 230 -27.92 -22.01 -4.21
N ARG B 231 -27.07 -21.58 -3.28
CA ARG B 231 -27.49 -20.61 -2.28
C ARG B 231 -27.07 -19.20 -2.63
N LEU B 232 -27.92 -18.24 -2.25
CA LEU B 232 -27.87 -16.89 -2.76
C LEU B 232 -28.14 -15.92 -1.63
N PRO B 233 -27.66 -14.67 -1.76
CA PRO B 233 -27.87 -13.63 -0.75
C PRO B 233 -29.28 -13.02 -0.82
N VAL B 234 -30.27 -13.79 -0.37
CA VAL B 234 -31.66 -13.43 -0.48
C VAL B 234 -31.87 -11.97 -0.07
N LYS B 235 -31.32 -11.57 1.07
CA LYS B 235 -31.54 -10.23 1.60
C LYS B 235 -30.93 -9.12 0.76
N TRP B 236 -30.17 -9.46 -0.28
CA TRP B 236 -29.65 -8.44 -1.18
C TRP B 236 -30.26 -8.49 -2.57
N MET B 237 -31.10 -9.49 -2.85
CA MET B 237 -31.59 -9.71 -4.19
C MET B 237 -32.96 -9.06 -4.44
N ALA B 238 -33.12 -8.54 -5.66
CA ALA B 238 -34.38 -7.94 -6.05
C ALA B 238 -35.47 -9.01 -6.14
N PRO B 239 -36.74 -8.61 -6.03
CA PRO B 239 -37.82 -9.61 -6.03
C PRO B 239 -37.81 -10.50 -7.26
N GLU B 240 -37.67 -9.91 -8.45
CA GLU B 240 -37.68 -10.69 -9.68
C GLU B 240 -36.57 -11.74 -9.67
N SER B 241 -35.50 -11.49 -8.93
CA SER B 241 -34.43 -12.47 -8.82
C SER B 241 -34.85 -13.62 -7.93
N ILE B 242 -35.55 -13.31 -6.85
CA ILE B 242 -36.00 -14.37 -5.96
C ILE B 242 -37.13 -15.16 -6.62
N PHE B 243 -38.09 -14.46 -7.21
CA PHE B 243 -39.31 -15.12 -7.66
C PHE B 243 -39.16 -15.75 -9.04
N ASN B 244 -38.45 -15.08 -9.96
CA ASN B 244 -38.28 -15.57 -11.33
C ASN B 244 -36.84 -15.86 -11.67
N SER B 245 -35.91 -15.67 -10.73
CA SER B 245 -34.50 -16.02 -10.95
C SER B 245 -33.87 -15.23 -12.09
N VAL B 246 -34.38 -14.02 -12.39
CA VAL B 246 -33.85 -13.16 -13.45
C VAL B 246 -32.96 -12.08 -12.84
N TYR B 247 -31.91 -11.71 -13.57
CA TYR B 247 -30.94 -10.71 -13.14
C TYR B 247 -30.66 -9.70 -14.26
N THR B 248 -30.65 -8.41 -13.91
CA THR B 248 -30.37 -7.34 -14.86
C THR B 248 -29.58 -6.25 -14.14
N PHE B 249 -29.24 -5.19 -14.90
CA PHE B 249 -28.58 -4.04 -14.30
C PHE B 249 -29.43 -3.47 -13.19
N GLU B 250 -30.75 -3.42 -13.42
CA GLU B 250 -31.71 -2.92 -12.44
C GLU B 250 -31.78 -3.83 -11.22
N SER B 251 -31.46 -5.12 -11.39
CA SER B 251 -31.40 -6.02 -10.25
C SER B 251 -30.17 -5.75 -9.40
N ASP B 252 -29.04 -5.43 -10.04
CA ASP B 252 -27.84 -5.04 -9.30
C ASP B 252 -28.09 -3.77 -8.51
N VAL B 253 -28.87 -2.84 -9.07
CA VAL B 253 -29.18 -1.60 -8.39
C VAL B 253 -29.91 -1.86 -7.08
N TRP B 254 -30.87 -2.79 -7.08
CA TRP B 254 -31.53 -3.17 -5.83
C TRP B 254 -30.50 -3.60 -4.78
N SER B 255 -29.60 -4.51 -5.16
CA SER B 255 -28.57 -4.96 -4.22
C SER B 255 -27.78 -3.78 -3.68
N TYR B 256 -27.48 -2.82 -4.56
CA TYR B 256 -26.78 -1.60 -4.16
C TYR B 256 -27.55 -0.86 -3.09
N GLY B 257 -28.86 -0.72 -3.29
CA GLY B 257 -29.69 -0.06 -2.31
C GLY B 257 -29.54 -0.62 -0.91
N ILE B 258 -29.54 -1.95 -0.79
CA ILE B 258 -29.34 -2.56 0.52
C ILE B 258 -27.95 -2.28 1.04
N PHE B 259 -26.97 -2.19 0.14
CA PHE B 259 -25.62 -1.88 0.58
C PHE B 259 -25.59 -0.53 1.29
N LEU B 260 -26.36 0.44 0.79
CA LEU B 260 -26.44 1.74 1.46
C LEU B 260 -26.94 1.59 2.89
N TRP B 261 -27.99 0.79 3.08
CA TRP B 261 -28.50 0.55 4.44
C TRP B 261 -27.42 -0.04 5.33
N GLU B 262 -26.77 -1.11 4.88
CA GLU B 262 -25.63 -1.67 5.59
C GLU B 262 -24.66 -0.58 6.03
N LEU B 263 -24.37 0.35 5.11
CA LEU B 263 -23.36 1.36 5.35
C LEU B 263 -23.80 2.33 6.46
N PHE B 264 -25.05 2.81 6.39
CA PHE B 264 -25.54 3.76 7.37
C PHE B 264 -26.15 3.09 8.60
N SER B 265 -26.34 1.78 8.54
CA SER B 265 -26.65 1.00 9.73
C SER B 265 -25.36 0.61 10.42
N LEU B 266 -24.25 1.19 9.98
CA LEU B 266 -22.91 0.86 10.44
C LEU B 266 -22.69 -0.66 10.39
N GLY B 267 -23.03 -1.23 9.24
CA GLY B 267 -22.65 -2.61 8.97
C GLY B 267 -23.45 -3.64 9.72
N SER B 268 -24.72 -3.37 10.00
CA SER B 268 -25.60 -4.34 10.62
C SER B 268 -26.37 -5.14 9.57
N SER B 269 -26.88 -6.29 9.99
CA SER B 269 -27.55 -7.22 9.08
C SER B 269 -28.88 -6.67 8.58
N PRO B 270 -29.17 -6.77 7.27
CA PRO B 270 -30.45 -6.29 6.75
C PRO B 270 -31.62 -7.10 7.31
N TYR B 271 -32.78 -6.45 7.40
CA TYR B 271 -34.02 -7.01 7.93
C TYR B 271 -33.77 -7.74 9.28
N PRO B 272 -33.34 -7.01 10.30
CA PRO B 272 -32.95 -7.66 11.58
C PRO B 272 -34.11 -8.39 12.24
N GLY B 273 -33.84 -9.61 12.70
CA GLY B 273 -34.88 -10.37 13.36
C GLY B 273 -35.91 -10.93 12.41
N MET B 274 -35.68 -10.77 11.13
CA MET B 274 -36.58 -11.30 10.12
C MET B 274 -35.93 -12.48 9.42
N PRO B 275 -36.15 -13.70 9.91
CA PRO B 275 -35.55 -14.87 9.25
C PRO B 275 -36.25 -15.17 7.92
N VAL B 276 -35.44 -15.62 6.96
CA VAL B 276 -35.91 -16.02 5.65
C VAL B 276 -37.02 -17.04 5.80
N ASP B 277 -38.27 -16.58 5.70
CA ASP B 277 -39.41 -17.45 5.85
C ASP B 277 -40.45 -17.02 4.81
N SER B 278 -41.62 -17.64 4.88
CA SER B 278 -42.68 -17.25 3.98
C SER B 278 -43.07 -15.79 4.20
N LYS B 279 -43.19 -15.41 5.48
CA LYS B 279 -43.49 -14.04 5.86
C LYS B 279 -42.54 -13.05 5.20
N PHE B 280 -41.28 -13.44 5.06
CA PHE B 280 -40.24 -12.62 4.47
C PHE B 280 -40.55 -12.29 3.02
N TYR B 281 -40.74 -13.33 2.23
CA TYR B 281 -41.07 -13.12 0.82
C TYR B 281 -42.35 -12.33 0.65
N LYS B 282 -43.35 -12.57 1.51
CA LYS B 282 -44.61 -11.86 1.35
C LYS B 282 -44.41 -10.36 1.42
N MET B 283 -43.88 -9.90 2.54
CA MET B 283 -43.67 -8.46 2.78
C MET B 283 -42.89 -7.79 1.64
N ILE B 284 -41.85 -8.44 1.13
CA ILE B 284 -41.06 -7.83 0.06
C ILE B 284 -41.96 -7.58 -1.14
N LYS B 285 -42.81 -8.56 -1.47
CA LYS B 285 -43.68 -8.49 -2.63
C LYS B 285 -44.82 -7.50 -2.41
N GLU B 286 -45.27 -7.37 -1.16
CA GLU B 286 -46.32 -6.41 -0.81
C GLU B 286 -45.86 -4.98 -1.01
N GLY B 287 -44.56 -4.74 -0.84
CA GLY B 287 -44.01 -3.41 -0.91
C GLY B 287 -43.21 -3.05 0.34
N PHE B 288 -42.92 -4.02 1.21
CA PHE B 288 -42.15 -3.73 2.42
C PHE B 288 -40.70 -3.40 2.10
N ARG B 289 -40.17 -2.43 2.85
CA ARG B 289 -38.83 -1.89 2.64
C ARG B 289 -38.11 -1.62 3.97
N GLU B 294 -30.61 4.72 9.15
CA GLU B 294 -30.34 6.05 9.72
C GLU B 294 -29.23 6.77 8.99
N HIS B 295 -28.73 7.86 9.60
CA HIS B 295 -27.69 8.73 9.05
C HIS B 295 -27.81 8.88 7.54
N ALA B 296 -29.01 8.68 6.99
CA ALA B 296 -29.14 8.68 5.56
C ALA B 296 -29.53 10.09 5.25
N PRO B 297 -28.65 10.87 4.62
CA PRO B 297 -29.12 12.17 4.22
C PRO B 297 -30.35 11.92 3.37
N ALA B 298 -31.40 12.75 3.59
CA ALA B 298 -32.70 12.43 3.01
C ALA B 298 -32.60 12.09 1.53
N GLU B 299 -31.69 12.76 0.82
CA GLU B 299 -31.53 12.57 -0.62
C GLU B 299 -30.78 11.27 -0.99
N MET B 300 -30.03 10.66 -0.09
CA MET B 300 -29.45 9.33 -0.35
C MET B 300 -30.41 8.21 -0.01
N TYR B 301 -31.28 8.42 0.99
CA TYR B 301 -32.40 7.50 1.18
C TYR B 301 -33.32 7.59 -0.02
N ASP B 302 -33.36 8.78 -0.64
CA ASP B 302 -34.07 8.99 -1.89
C ASP B 302 -33.60 8.02 -2.96
N ILE B 303 -32.28 7.77 -3.01
CA ILE B 303 -31.73 6.85 -4.00
C ILE B 303 -32.08 5.42 -3.62
N MET B 304 -32.00 5.07 -2.33
CA MET B 304 -32.42 3.75 -1.90
C MET B 304 -33.86 3.48 -2.26
N LYS B 305 -34.67 4.59 -2.27
CA LYS B 305 -36.11 4.44 -2.46
C LYS B 305 -36.46 4.07 -3.88
N THR B 306 -35.76 4.64 -4.86
CA THR B 306 -36.08 4.28 -6.22
C THR B 306 -35.41 2.97 -6.61
N CYS B 307 -34.29 2.61 -5.99
CA CYS B 307 -33.66 1.33 -6.31
C CYS B 307 -34.51 0.15 -5.87
N TRP B 308 -35.36 0.32 -4.85
CA TRP B 308 -36.14 -0.83 -4.35
C TRP B 308 -37.57 -0.84 -4.88
N ASP B 309 -37.77 -0.17 -6.03
CA ASP B 309 -39.05 -0.13 -6.72
C ASP B 309 -39.37 -1.51 -7.28
N ALA B 310 -40.57 -2.00 -6.99
CA ALA B 310 -40.99 -3.30 -7.51
C ALA B 310 -40.84 -3.35 -9.03
N ASP B 311 -40.98 -2.19 -9.70
CA ASP B 311 -40.82 -2.08 -11.15
C ASP B 311 -39.35 -1.83 -11.48
N PRO B 312 -38.63 -2.79 -12.08
CA PRO B 312 -37.22 -2.56 -12.40
C PRO B 312 -36.94 -1.30 -13.23
N ASP B 313 -37.88 -0.87 -14.08
CA ASP B 313 -37.60 0.30 -14.94
C ASP B 313 -37.85 1.66 -14.27
N LYS B 314 -38.63 1.74 -13.20
CA LYS B 314 -38.59 3.02 -12.49
C LYS B 314 -37.32 3.15 -11.66
N ARG B 315 -36.51 2.10 -11.58
CA ARG B 315 -35.22 2.21 -10.91
C ARG B 315 -34.25 3.01 -11.76
N PRO B 316 -33.35 3.76 -11.13
CA PRO B 316 -32.42 4.62 -11.86
C PRO B 316 -31.21 3.83 -12.38
N THR B 317 -30.45 4.48 -13.25
CA THR B 317 -29.21 3.92 -13.75
C THR B 317 -28.06 4.27 -12.79
N PHE B 318 -27.05 3.40 -12.73
CA PHE B 318 -25.87 3.75 -11.95
C PHE B 318 -25.22 5.00 -12.49
N LYS B 319 -25.12 5.08 -13.82
CA LYS B 319 -24.67 6.31 -14.47
C LYS B 319 -25.54 7.48 -14.04
N GLN B 320 -26.86 7.24 -14.08
CA GLN B 320 -27.81 8.23 -13.57
C GLN B 320 -27.47 8.61 -12.15
N ILE B 321 -27.14 7.62 -11.33
CA ILE B 321 -26.72 7.86 -9.96
C ILE B 321 -25.40 8.59 -9.93
N VAL B 322 -24.44 8.17 -10.75
CA VAL B 322 -23.10 8.75 -10.73
C VAL B 322 -23.16 10.23 -11.11
N GLN B 323 -24.04 10.58 -12.05
CA GLN B 323 -24.29 12.00 -12.35
C GLN B 323 -24.81 12.70 -11.12
N ASP B 324 -25.76 12.06 -10.42
CA ASP B 324 -26.41 12.63 -9.25
C ASP B 324 -25.51 12.79 -8.02
N ILE B 325 -24.97 11.68 -7.44
CA ILE B 325 -24.16 11.79 -6.22
C ILE B 325 -23.03 12.78 -6.42
N GLU B 326 -22.51 12.85 -7.64
CA GLU B 326 -21.49 13.81 -8.03
C GLU B 326 -21.95 15.25 -7.80
N LYS B 327 -23.24 15.50 -8.00
CA LYS B 327 -23.80 16.83 -7.78
C LYS B 327 -23.80 17.17 -6.30
N GLN B 328 -24.22 16.22 -5.46
CA GLN B 328 -24.21 16.40 -4.01
C GLN B 328 -22.81 16.69 -3.47
N ILE B 329 -21.81 15.96 -3.98
CA ILE B 329 -20.42 16.21 -3.60
C ILE B 329 -20.03 17.64 -3.98
N SER B 330 -20.39 18.03 -5.21
CA SER B 330 -20.07 19.36 -5.72
C SER B 330 -20.58 20.46 -4.78
N GLU B 331 -21.79 20.28 -4.25
CA GLU B 331 -22.36 21.24 -3.29
C GLU B 331 -21.67 21.21 -1.96
#